data_4I95
#
_entry.id   4I95
#
_cell.length_a   103.067
_cell.length_b   103.067
_cell.length_c   114.975
_cell.angle_alpha   90.000
_cell.angle_beta   90.000
_cell.angle_gamma   120.000
#
_symmetry.space_group_name_H-M   'P 63 2 2'
#
loop_
_entity.id
_entity.type
_entity.pdbx_description
1 polymer 'Putative uncharacterized protein'
2 non-polymer 'UNKNOWN LIGAND'
3 water water
#
_entity_poly.entity_id   1
_entity_poly.type   'polypeptide(L)'
_entity_poly.pdbx_seq_one_letter_code
;GQDKAAFEPAHLQGIWQLCHYVSENPDIPGVLKPSNTFKVLSDDGRIVNFTIRPGTDAIITGYGTYRQISAAAYKESIEK
NIHLP(MSE)LDNKDNILEFE(MSE)GAGGV(MSE)YLKYFIEKDLNGNELNTWFHETWKRVT(MSE)PPVFPEDIVR
;
_entity_poly.pdbx_strand_id   A,B
#
# COMPACT_ATOMS: atom_id res chain seq x y z
N ALA A 6 -17.61 -25.37 -7.21
CA ALA A 6 -17.29 -24.60 -8.44
C ALA A 6 -17.95 -23.22 -8.33
N PHE A 7 -17.11 -22.20 -8.29
CA PHE A 7 -17.58 -20.81 -8.20
C PHE A 7 -16.67 -19.95 -9.08
N GLU A 8 -17.19 -18.83 -9.56
CA GLU A 8 -16.41 -17.93 -10.42
C GLU A 8 -15.48 -17.12 -9.51
N PRO A 9 -14.26 -16.85 -9.96
CA PRO A 9 -13.35 -16.10 -9.11
C PRO A 9 -13.83 -14.65 -8.97
N ALA A 10 -13.74 -14.10 -7.79
CA ALA A 10 -14.18 -12.72 -7.57
C ALA A 10 -12.99 -11.82 -7.84
N HIS A 11 -13.26 -10.53 -7.96
CA HIS A 11 -12.20 -9.51 -8.20
C HIS A 11 -11.57 -9.03 -6.91
N LEU A 12 -10.89 -9.93 -6.22
CA LEU A 12 -10.32 -9.61 -4.94
C LEU A 12 -8.94 -8.90 -5.08
N GLN A 13 -8.19 -9.25 -6.11
CA GLN A 13 -6.84 -8.77 -6.26
C GLN A 13 -6.87 -7.23 -6.42
N GLY A 14 -5.96 -6.54 -5.73
CA GLY A 14 -5.94 -5.07 -5.73
C GLY A 14 -5.40 -4.51 -4.45
N ILE A 15 -5.48 -3.18 -4.37
CA ILE A 15 -5.15 -2.43 -3.17
C ILE A 15 -6.47 -1.80 -2.66
N TRP A 16 -6.77 -2.08 -1.41
CA TRP A 16 -8.04 -1.73 -0.78
C TRP A 16 -7.76 -0.80 0.41
N GLN A 17 -8.55 0.24 0.49
CA GLN A 17 -8.43 1.25 1.56
C GLN A 17 -9.57 1.04 2.55
N LEU A 18 -9.23 0.92 3.82
CA LEU A 18 -10.22 0.82 4.88
C LEU A 18 -10.99 2.14 5.00
N CYS A 19 -12.28 2.00 5.19
CA CYS A 19 -13.16 3.11 5.41
C CYS A 19 -13.77 3.03 6.81
N HIS A 20 -14.29 4.15 7.28
CA HIS A 20 -15.01 4.17 8.53
C HIS A 20 -16.19 5.12 8.43
N TYR A 21 -17.03 5.11 9.44
CA TYR A 21 -18.24 5.87 9.45
C TYR A 21 -18.11 7.03 10.44
N VAL A 22 -18.40 8.24 9.93
CA VAL A 22 -18.12 9.46 10.68
C VAL A 22 -19.27 10.38 10.78
N SER A 23 -19.51 10.91 11.97
CA SER A 23 -20.51 11.95 12.12
CA SER A 23 -20.52 11.94 12.13
C SER A 23 -20.11 12.95 13.19
N GLU A 24 -20.46 14.23 12.93
CA GLU A 24 -20.21 15.28 13.86
C GLU A 24 -21.21 15.14 15.04
N ASN A 25 -22.38 14.55 14.75
CA ASN A 25 -23.48 14.37 15.73
C ASN A 25 -23.63 12.83 15.87
N PRO A 26 -23.36 12.22 17.04
CA PRO A 26 -23.46 10.75 17.22
C PRO A 26 -24.90 10.20 17.05
N ASP A 27 -25.92 11.08 17.11
CA ASP A 27 -27.33 10.65 16.80
C ASP A 27 -27.70 10.53 15.32
N ILE A 28 -26.79 10.95 14.43
CA ILE A 28 -26.96 10.87 12.97
C ILE A 28 -26.03 9.74 12.48
N PRO A 29 -26.60 8.76 11.74
CA PRO A 29 -25.75 7.67 11.18
C PRO A 29 -24.49 8.22 10.51
N GLY A 30 -23.36 7.60 10.80
CA GLY A 30 -22.11 7.99 10.24
C GLY A 30 -22.07 7.82 8.72
N VAL A 31 -21.42 8.75 8.06
CA VAL A 31 -21.22 8.71 6.63
CA VAL A 31 -21.20 8.73 6.64
C VAL A 31 -19.86 8.03 6.34
N LEU A 32 -19.83 7.26 5.25
CA LEU A 32 -18.66 6.50 4.88
C LEU A 32 -17.54 7.41 4.39
N LYS A 33 -16.37 7.29 5.02
CA LYS A 33 -15.17 8.07 4.67
C LYS A 33 -13.95 7.14 4.64
N PRO A 34 -13.03 7.36 3.69
CA PRO A 34 -11.76 6.59 3.63
C PRO A 34 -10.78 6.97 4.76
N SER A 35 -10.07 5.96 5.25
CA SER A 35 -9.22 6.11 6.40
C SER A 35 -7.78 5.73 6.07
N ASN A 36 -7.03 5.20 7.04
CA ASN A 36 -5.57 5.15 6.94
C ASN A 36 -4.98 3.79 6.77
N THR A 37 -5.80 2.77 6.56
CA THR A 37 -5.31 1.40 6.48
C THR A 37 -5.52 0.84 5.07
N PHE A 38 -4.56 0.03 4.62
CA PHE A 38 -4.59 -0.55 3.29
C PHE A 38 -4.36 -2.04 3.37
N LYS A 39 -5.05 -2.77 2.50
CA LYS A 39 -4.89 -4.18 2.33
C LYS A 39 -4.46 -4.45 0.90
N VAL A 40 -3.32 -5.11 0.74
CA VAL A 40 -2.81 -5.50 -0.56
C VAL A 40 -3.12 -6.98 -0.74
N LEU A 41 -3.94 -7.28 -1.74
CA LEU A 41 -4.28 -8.68 -2.12
C LEU A 41 -3.58 -8.93 -3.44
N SER A 42 -2.46 -9.63 -3.38
CA SER A 42 -1.59 -9.74 -4.57
C SER A 42 -2.13 -10.81 -5.53
N ASP A 43 -1.66 -10.76 -6.77
CA ASP A 43 -2.06 -11.74 -7.76
C ASP A 43 -1.54 -13.11 -7.42
N ASP A 44 -0.45 -13.20 -6.63
CA ASP A 44 0.12 -14.46 -6.23
C ASP A 44 -0.25 -14.96 -4.83
N GLY A 45 -1.37 -14.51 -4.32
CA GLY A 45 -1.96 -15.09 -3.09
C GLY A 45 -1.36 -14.61 -1.76
N ARG A 46 -0.68 -13.47 -1.77
CA ARG A 46 -0.18 -12.83 -0.55
C ARG A 46 -1.11 -11.69 -0.10
N ILE A 47 -1.29 -11.61 1.21
CA ILE A 47 -2.06 -10.55 1.82
C ILE A 47 -1.15 -9.79 2.81
N VAL A 48 -1.21 -8.47 2.75
CA VAL A 48 -0.57 -7.61 3.73
C VAL A 48 -1.54 -6.44 4.06
N ASN A 49 -1.66 -6.15 5.34
CA ASN A 49 -2.36 -4.97 5.85
C ASN A 49 -1.31 -4.03 6.41
N PHE A 50 -1.46 -2.73 6.10
CA PHE A 50 -0.57 -1.74 6.72
C PHE A 50 -1.36 -0.46 6.99
N THR A 51 -0.90 0.29 7.97
CA THR A 51 -1.57 1.48 8.45
C THR A 51 -0.61 2.65 8.40
N ILE A 52 -1.07 3.73 7.77
CA ILE A 52 -0.25 4.91 7.70
C ILE A 52 -0.37 5.69 9.01
N ARG A 53 0.68 6.39 9.35
CA ARG A 53 0.75 7.19 10.58
CA ARG A 53 0.75 7.19 10.58
C ARG A 53 1.26 8.57 10.18
N PRO A 54 0.35 9.50 9.93
CA PRO A 54 0.80 10.81 9.40
C PRO A 54 1.90 11.45 10.20
N GLY A 55 2.94 11.87 9.48
CA GLY A 55 4.08 12.49 10.05
C GLY A 55 5.19 11.53 10.36
N THR A 56 4.91 10.23 10.36
CA THR A 56 5.93 9.28 10.72
C THR A 56 5.82 8.02 9.82
N ASP A 57 6.52 6.97 10.19
CA ASP A 57 6.51 5.71 9.34
C ASP A 57 5.24 4.91 9.42
N ALA A 58 4.74 4.51 8.25
CA ALA A 58 3.66 3.59 8.20
C ALA A 58 4.15 2.24 8.79
N ILE A 59 3.20 1.40 9.20
CA ILE A 59 3.50 0.13 9.82
C ILE A 59 2.70 -1.02 9.22
N ILE A 60 3.39 -2.14 9.00
CA ILE A 60 2.69 -3.38 8.61
C ILE A 60 1.95 -3.85 9.86
N THR A 61 0.69 -4.17 9.71
CA THR A 61 -0.11 -4.68 10.85
C THR A 61 -0.51 -6.16 10.76
N GLY A 62 -0.37 -6.77 9.59
CA GLY A 62 -0.75 -8.17 9.42
C GLY A 62 -0.28 -8.67 8.09
N TYR A 63 0.08 -9.93 8.01
CA TYR A 63 0.42 -10.51 6.76
C TYR A 63 0.22 -12.03 6.76
N GLY A 64 0.12 -12.59 5.56
CA GLY A 64 0.00 -14.01 5.32
C GLY A 64 -0.36 -14.30 3.89
N THR A 65 -1.13 -15.36 3.68
CA THR A 65 -1.55 -15.74 2.33
C THR A 65 -3.07 -15.75 2.29
N TYR A 66 -3.67 -15.82 1.10
CA TYR A 66 -5.13 -15.79 1.01
C TYR A 66 -5.57 -16.56 -0.25
N ARG A 67 -6.77 -17.07 -0.21
CA ARG A 67 -7.38 -17.65 -1.38
C ARG A 67 -8.90 -17.63 -1.21
N GLN A 68 -9.59 -17.48 -2.33
CA GLN A 68 -11.04 -17.51 -2.33
C GLN A 68 -11.48 -18.93 -2.12
N ILE A 69 -12.51 -19.13 -1.32
CA ILE A 69 -12.94 -20.48 -0.95
C ILE A 69 -14.34 -20.81 -1.36
N SER A 70 -15.14 -19.80 -1.65
CA SER A 70 -16.48 -20.01 -2.14
C SER A 70 -16.91 -18.76 -2.89
N ALA A 71 -18.12 -18.75 -3.41
CA ALA A 71 -18.61 -17.58 -4.17
C ALA A 71 -18.53 -16.28 -3.39
N ALA A 72 -18.79 -16.35 -2.08
CA ALA A 72 -18.87 -15.11 -1.29
C ALA A 72 -17.96 -15.09 -0.09
N ALA A 73 -16.87 -15.85 -0.13
CA ALA A 73 -15.91 -15.81 0.94
C ALA A 73 -14.51 -16.16 0.53
N TYR A 74 -13.55 -15.54 1.20
CA TYR A 74 -12.16 -15.88 1.02
C TYR A 74 -11.52 -16.12 2.38
N LYS A 75 -10.38 -16.82 2.39
CA LYS A 75 -9.67 -17.16 3.63
C LYS A 75 -8.33 -16.48 3.68
N GLU A 76 -8.01 -15.83 4.80
CA GLU A 76 -6.67 -15.32 5.06
C GLU A 76 -5.98 -16.28 6.03
N SER A 77 -4.83 -16.76 5.61
CA SER A 77 -3.99 -17.62 6.45
CA SER A 77 -4.00 -17.62 6.45
C SER A 77 -2.93 -16.68 7.02
N ILE A 78 -3.15 -16.24 8.24
CA ILE A 78 -2.35 -15.21 8.88
C ILE A 78 -1.09 -15.75 9.58
N GLU A 79 0.08 -15.19 9.23
CA GLU A 79 1.29 -15.55 9.97
CA GLU A 79 1.32 -15.51 9.98
CA GLU A 79 1.32 -15.51 9.95
C GLU A 79 1.35 -14.69 11.28
N LYS A 80 1.34 -13.38 11.16
CA LYS A 80 1.32 -12.51 12.31
C LYS A 80 0.42 -11.31 12.04
N ASN A 81 -0.27 -10.90 13.10
CA ASN A 81 -1.19 -9.75 13.08
C ASN A 81 -1.11 -9.01 14.40
N ILE A 82 -0.53 -7.80 14.39
CA ILE A 82 -0.43 -7.04 15.62
C ILE A 82 -1.72 -6.32 15.98
N HIS A 83 -2.62 -6.11 15.00
CA HIS A 83 -3.93 -5.53 15.27
C HIS A 83 -4.84 -6.55 16.00
N LEU A 84 -4.78 -7.81 15.56
CA LEU A 84 -5.61 -8.89 16.11
C LEU A 84 -4.68 -10.08 16.36
N PRO A 85 -3.94 -10.02 17.46
CA PRO A 85 -2.93 -11.05 17.70
C PRO A 85 -3.53 -12.41 17.97
N LEU A 87 -5.29 -13.91 16.04
CA LEU A 87 -5.24 -14.55 14.72
C LEU A 87 -3.83 -15.02 14.27
N ASP A 88 -2.80 -14.84 15.11
CA ASP A 88 -1.48 -15.28 14.73
C ASP A 88 -1.50 -16.78 14.41
N ASN A 89 -0.89 -17.16 13.28
CA ASN A 89 -0.74 -18.56 12.87
C ASN A 89 -2.12 -19.27 12.84
N LYS A 90 -3.15 -18.55 12.40
CA LYS A 90 -4.51 -19.06 12.30
C LYS A 90 -5.19 -18.56 11.00
N ASP A 91 -6.18 -19.33 10.58
CA ASP A 91 -7.01 -18.92 9.43
C ASP A 91 -8.16 -18.06 9.89
N ASN A 92 -8.60 -17.17 9.00
CA ASN A 92 -9.78 -16.34 9.26
C ASN A 92 -10.58 -16.30 7.93
N ILE A 93 -11.87 -16.60 8.00
CA ILE A 93 -12.72 -16.57 6.82
CA ILE A 93 -12.71 -16.57 6.81
C ILE A 93 -13.44 -15.22 6.72
N LEU A 94 -13.23 -14.49 5.62
CA LEU A 94 -13.85 -13.20 5.35
C LEU A 94 -15.00 -13.39 4.37
N GLU A 95 -16.22 -13.16 4.84
CA GLU A 95 -17.37 -13.20 4.03
C GLU A 95 -17.50 -11.82 3.40
N PHE A 96 -17.61 -11.77 2.07
CA PHE A 96 -17.57 -10.45 1.36
C PHE A 96 -18.75 -10.19 0.48
N GLU A 97 -19.08 -8.90 0.32
CA GLU A 97 -20.14 -8.44 -0.51
C GLU A 97 -19.65 -7.18 -1.25
N GLY A 99 -20.13 -3.83 -3.28
CA GLY A 99 -21.13 -2.79 -3.40
C GLY A 99 -20.73 -1.85 -4.54
N ALA A 100 -21.32 -0.67 -4.55
CA ALA A 100 -21.07 0.32 -5.60
C ALA A 100 -19.84 1.18 -5.31
N GLY A 101 -19.29 1.78 -6.38
CA GLY A 101 -18.15 2.67 -6.25
C GLY A 101 -16.88 2.02 -5.72
N GLY A 102 -16.73 0.73 -5.94
CA GLY A 102 -15.57 0.00 -5.48
C GLY A 102 -15.55 -0.45 -4.04
N VAL A 103 -16.70 -0.40 -3.39
CA VAL A 103 -16.81 -0.75 -1.95
C VAL A 103 -16.91 -2.26 -1.83
N TYR A 105 -17.74 -4.89 1.39
CA TYR A 105 -18.13 -5.09 2.83
C TYR A 105 -17.63 -6.48 3.28
N LEU A 106 -16.91 -6.56 4.40
CA LEU A 106 -16.28 -7.81 4.86
C LEU A 106 -16.83 -8.06 6.25
N LYS A 107 -17.02 -9.33 6.57
CA LYS A 107 -17.25 -9.70 7.97
C LYS A 107 -16.48 -10.99 8.26
N TYR A 108 -16.10 -11.17 9.52
CA TYR A 108 -15.40 -12.37 9.94
C TYR A 108 -15.67 -12.67 11.39
N PHE A 109 -15.71 -13.97 11.67
CA PHE A 109 -16.01 -14.49 12.99
C PHE A 109 -14.71 -14.92 13.68
N ILE A 110 -14.62 -14.60 14.96
CA ILE A 110 -13.50 -15.04 15.79
C ILE A 110 -14.05 -15.79 16.98
N GLU A 111 -13.64 -17.06 17.14
CA GLU A 111 -14.15 -17.91 18.19
C GLU A 111 -13.64 -17.57 19.58
N LYS A 112 -12.33 -17.45 19.71
CA LYS A 112 -11.70 -17.19 21.01
C LYS A 112 -10.83 -15.94 21.02
N ASP A 113 -10.70 -15.35 22.20
CA ASP A 113 -9.85 -14.19 22.33
C ASP A 113 -8.39 -14.59 22.52
N LEU A 114 -7.53 -13.59 22.67
CA LEU A 114 -6.09 -13.83 22.82
C LEU A 114 -5.75 -14.78 23.93
N ASN A 115 -6.54 -14.81 25.01
CA ASN A 115 -6.26 -15.68 26.14
C ASN A 115 -6.93 -17.05 26.08
N GLY A 116 -7.62 -17.33 24.99
CA GLY A 116 -8.37 -18.56 24.88
C GLY A 116 -9.77 -18.57 25.46
N ASN A 117 -10.24 -17.42 25.95
CA ASN A 117 -11.62 -17.35 26.46
C ASN A 117 -12.64 -17.24 25.31
N GLU A 118 -13.89 -17.59 25.59
CA GLU A 118 -14.94 -17.54 24.57
C GLU A 118 -15.15 -16.09 24.09
N LEU A 119 -15.15 -15.89 22.78
CA LEU A 119 -15.42 -14.54 22.20
C LEU A 119 -16.59 -14.62 21.25
N ASN A 120 -16.53 -15.55 20.30
CA ASN A 120 -17.62 -15.83 19.41
C ASN A 120 -18.30 -14.59 18.83
N THR A 121 -17.49 -13.75 18.22
CA THR A 121 -17.97 -12.44 17.75
C THR A 121 -17.74 -12.28 16.29
N TRP A 122 -18.71 -11.62 15.64
CA TRP A 122 -18.51 -11.17 14.26
C TRP A 122 -17.96 -9.73 14.24
N PHE A 123 -16.98 -9.47 13.39
CA PHE A 123 -16.42 -8.17 13.16
C PHE A 123 -16.72 -7.71 11.74
N HIS A 124 -17.02 -6.41 11.54
CA HIS A 124 -17.39 -5.90 10.23
C HIS A 124 -16.40 -4.81 9.85
N GLU A 125 -16.04 -4.81 8.57
CA GLU A 125 -15.19 -3.80 7.97
C GLU A 125 -15.74 -3.40 6.61
N THR A 126 -15.44 -2.16 6.22
CA THR A 126 -15.81 -1.66 4.92
C THR A 126 -14.53 -1.19 4.24
N TRP A 127 -14.28 -1.63 2.99
CA TRP A 127 -13.08 -1.32 2.23
C TRP A 127 -13.46 -0.70 0.89
N LYS A 128 -12.55 0.08 0.29
CA LYS A 128 -12.81 0.63 -1.01
C LYS A 128 -11.63 0.42 -1.93
N ARG A 129 -11.87 -0.03 -3.15
CA ARG A 129 -10.78 -0.32 -4.08
C ARG A 129 -10.09 0.99 -4.45
N VAL A 130 -8.77 0.99 -4.39
CA VAL A 130 -7.95 2.16 -4.81
C VAL A 130 -7.73 2.01 -6.33
N THR A 131 -8.01 3.08 -7.07
CA THR A 131 -7.89 3.10 -8.49
C THR A 131 -7.14 4.34 -8.96
N PRO A 133 -7.03 7.74 -10.93
CA PRO A 133 -7.89 8.79 -11.52
C PRO A 133 -7.39 9.31 -12.86
N PRO A 134 -8.17 10.17 -13.52
CA PRO A 134 -7.79 10.73 -14.81
C PRO A 134 -6.51 11.58 -14.82
N VAL A 135 -6.26 12.37 -13.78
CA VAL A 135 -5.11 13.22 -13.76
C VAL A 135 -4.50 13.27 -12.39
N PHE A 136 -3.21 13.55 -12.36
CA PHE A 136 -2.52 13.68 -11.12
C PHE A 136 -2.98 15.04 -10.57
N PRO A 137 -3.57 15.08 -9.39
CA PRO A 137 -4.06 16.39 -8.90
C PRO A 137 -2.97 17.41 -8.58
N GLU A 138 -3.27 18.69 -8.80
CA GLU A 138 -2.40 19.76 -8.32
C GLU A 138 -2.58 19.89 -6.80
N ASP A 139 -1.54 20.45 -6.17
CA ASP A 139 -1.48 20.63 -4.70
C ASP A 139 -1.54 19.34 -3.88
N ILE A 140 -1.26 18.20 -4.53
CA ILE A 140 -1.11 16.90 -3.85
C ILE A 140 0.33 16.86 -3.34
N VAL A 141 0.57 16.30 -2.17
CA VAL A 141 1.92 16.15 -1.64
C VAL A 141 2.25 14.66 -1.79
N ARG A 142 3.27 14.36 -2.57
CA ARG A 142 3.64 12.94 -2.71
C ARG A 142 4.35 12.54 -1.42
N ALA B 6 25.77 -12.59 -14.28
CA ALA B 6 25.31 -13.19 -13.00
C ALA B 6 25.44 -12.17 -11.89
N PHE B 7 24.34 -11.89 -11.23
CA PHE B 7 24.31 -11.03 -10.07
C PHE B 7 23.33 -11.66 -9.09
N GLU B 8 23.51 -11.40 -7.80
CA GLU B 8 22.65 -11.96 -6.79
C GLU B 8 21.40 -11.09 -6.71
N PRO B 9 20.24 -11.72 -6.49
CA PRO B 9 19.02 -10.92 -6.42
C PRO B 9 19.03 -9.99 -5.19
N ALA B 10 18.56 -8.77 -5.36
CA ALA B 10 18.52 -7.82 -4.27
C ALA B 10 17.16 -7.99 -3.60
N HIS B 11 17.02 -7.45 -2.40
CA HIS B 11 15.80 -7.55 -1.59
C HIS B 11 14.81 -6.43 -1.97
N LEU B 12 14.35 -6.46 -3.21
CA LEU B 12 13.51 -5.39 -3.73
C LEU B 12 12.06 -5.58 -3.29
N GLN B 13 11.63 -6.83 -3.15
CA GLN B 13 10.26 -7.12 -2.86
C GLN B 13 9.86 -6.52 -1.52
N GLY B 14 8.66 -5.94 -1.45
CA GLY B 14 8.16 -5.31 -0.23
C GLY B 14 7.27 -4.12 -0.54
N ILE B 15 6.93 -3.42 0.53
CA ILE B 15 6.21 -2.19 0.49
C ILE B 15 7.12 -1.06 0.96
N TRP B 16 7.24 -0.01 0.14
CA TRP B 16 8.22 1.06 0.31
C TRP B 16 7.46 2.38 0.41
N GLN B 17 7.87 3.19 1.38
CA GLN B 17 7.32 4.50 1.62
C GLN B 17 8.27 5.62 1.16
N LEU B 18 7.76 6.47 0.31
CA LEU B 18 8.53 7.61 -0.18
C LEU B 18 8.83 8.56 0.98
N CYS B 19 10.06 9.04 0.99
CA CYS B 19 10.51 10.02 1.94
C CYS B 19 10.95 11.30 1.26
N HIS B 20 11.07 12.35 2.06
CA HIS B 20 11.54 13.60 1.56
C HIS B 20 12.42 14.25 2.65
N TYR B 21 13.07 15.33 2.30
CA TYR B 21 13.98 16.03 3.18
C TYR B 21 13.38 17.38 3.56
N VAL B 22 13.26 17.59 4.86
CA VAL B 22 12.48 18.71 5.38
C VAL B 22 13.24 19.56 6.38
N SER B 23 13.15 20.89 6.29
CA SER B 23 13.74 21.80 7.28
CA SER B 23 13.74 21.79 7.27
C SER B 23 12.90 23.05 7.43
N GLU B 24 12.88 23.64 8.62
CA GLU B 24 12.22 24.90 8.81
C GLU B 24 13.03 26.04 8.21
N ASN B 25 14.35 25.87 8.21
CA ASN B 25 15.32 26.91 7.83
C ASN B 25 16.06 26.29 6.59
N PRO B 26 15.89 26.88 5.38
CA PRO B 26 16.45 26.27 4.18
C PRO B 26 18.01 26.23 4.21
N ASP B 27 18.64 26.97 5.11
CA ASP B 27 20.15 26.91 5.24
C ASP B 27 20.66 25.68 6.02
N ILE B 28 19.74 24.95 6.67
CA ILE B 28 20.04 23.77 7.47
C ILE B 28 19.60 22.55 6.66
N PRO B 29 20.55 21.63 6.42
CA PRO B 29 20.24 20.43 5.62
C PRO B 29 18.96 19.73 6.07
N GLY B 30 18.11 19.41 5.11
CA GLY B 30 16.80 18.76 5.38
C GLY B 30 16.99 17.40 6.03
N VAL B 31 16.10 17.07 6.94
CA VAL B 31 16.10 15.81 7.62
C VAL B 31 15.18 14.88 6.93
N LEU B 32 15.56 13.60 6.84
CA LEU B 32 14.69 12.60 6.15
C LEU B 32 13.42 12.32 6.92
N LYS B 33 12.30 12.47 6.25
CA LYS B 33 10.96 12.23 6.85
C LYS B 33 10.09 11.44 5.88
N PRO B 34 9.27 10.50 6.42
CA PRO B 34 8.39 9.70 5.55
C PRO B 34 7.22 10.53 5.04
N SER B 35 6.77 10.25 3.83
CA SER B 35 5.71 11.00 3.21
C SER B 35 4.53 10.11 2.83
N ASN B 36 3.82 10.44 1.74
CA ASN B 36 2.49 9.89 1.51
C ASN B 36 2.36 8.95 0.34
N THR B 37 3.46 8.53 -0.24
CA THR B 37 3.46 7.70 -1.42
C THR B 37 4.08 6.33 -1.08
N PHE B 38 3.54 5.28 -1.68
CA PHE B 38 3.96 3.94 -1.45
C PHE B 38 4.21 3.20 -2.77
N LYS B 39 5.22 2.35 -2.78
CA LYS B 39 5.53 1.54 -3.92
C LYS B 39 5.45 0.10 -3.46
N VAL B 40 4.59 -0.68 -4.14
CA VAL B 40 4.47 -2.11 -3.85
C VAL B 40 5.24 -2.86 -4.93
N LEU B 41 6.29 -3.57 -4.54
CA LEU B 41 7.09 -4.40 -5.44
C LEU B 41 6.75 -5.84 -5.07
N SER B 42 5.92 -6.48 -5.87
CA SER B 42 5.39 -7.79 -5.47
C SER B 42 6.35 -8.92 -5.76
N ASP B 43 6.11 -10.07 -5.15
CA ASP B 43 6.94 -11.22 -5.39
C ASP B 43 6.81 -11.73 -6.83
N ASP B 44 5.68 -11.45 -7.51
CA ASP B 44 5.45 -11.89 -8.85
C ASP B 44 5.71 -10.84 -9.92
N GLY B 45 6.52 -9.86 -9.60
CA GLY B 45 7.05 -8.91 -10.61
C GLY B 45 6.14 -7.77 -11.03
N ARG B 46 5.16 -7.48 -10.20
CA ARG B 46 4.30 -6.32 -10.40
C ARG B 46 4.72 -5.13 -9.53
N ILE B 47 4.57 -3.95 -10.12
CA ILE B 47 4.85 -2.68 -9.43
C ILE B 47 3.64 -1.80 -9.48
N VAL B 48 3.30 -1.23 -8.32
CA VAL B 48 2.25 -0.21 -8.24
C VAL B 48 2.72 0.89 -7.31
N ASN B 49 2.59 2.13 -7.75
CA ASN B 49 2.78 3.30 -6.92
C ASN B 49 1.39 3.88 -6.58
N PHE B 50 1.19 4.31 -5.33
CA PHE B 50 -0.06 4.99 -4.96
C PHE B 50 0.22 6.06 -3.90
N THR B 51 -0.61 7.08 -3.87
CA THR B 51 -0.45 8.23 -3.00
C THR B 51 -1.68 8.41 -2.17
N ILE B 52 -1.48 8.52 -0.86
CA ILE B 52 -2.58 8.75 0.00
C ILE B 52 -2.90 10.29 -0.02
N ARG B 53 -4.17 10.60 0.19
CA ARG B 53 -4.69 11.98 0.18
CA ARG B 53 -4.67 11.98 0.19
C ARG B 53 -5.51 12.12 1.45
N PRO B 54 -4.90 12.63 2.53
CA PRO B 54 -5.60 12.64 3.81
C PRO B 54 -6.96 13.29 3.70
N GLY B 55 -7.94 12.60 4.24
CA GLY B 55 -9.28 13.05 4.22
C GLY B 55 -10.10 12.50 3.08
N THR B 56 -9.45 11.92 2.08
CA THR B 56 -10.17 11.46 0.94
C THR B 56 -9.50 10.20 0.38
N ASP B 57 -9.97 9.76 -0.78
CA ASP B 57 -9.46 8.49 -1.37
C ASP B 57 -8.03 8.56 -1.84
N ALA B 58 -7.24 7.53 -1.50
CA ALA B 58 -5.96 7.39 -2.05
C ALA B 58 -6.11 7.10 -3.57
N ILE B 59 -5.01 7.32 -4.32
CA ILE B 59 -4.98 7.18 -5.75
C ILE B 59 -3.78 6.37 -6.23
N ILE B 60 -4.03 5.46 -7.18
CA ILE B 60 -2.96 4.78 -7.90
C ILE B 60 -2.33 5.84 -8.85
N THR B 61 -1.02 5.98 -8.81
CA THR B 61 -0.32 6.94 -9.67
C THR B 61 0.52 6.27 -10.78
N GLY B 62 0.82 4.98 -10.65
CA GLY B 62 1.61 4.29 -11.66
C GLY B 62 1.56 2.81 -11.47
N TYR B 63 1.61 2.04 -12.56
CA TYR B 63 1.70 0.63 -12.45
C TYR B 63 2.34 -0.02 -13.65
N GLY B 64 2.79 -1.28 -13.45
CA GLY B 64 3.38 -2.09 -14.52
C GLY B 64 4.05 -3.31 -13.95
N THR B 65 5.15 -3.75 -14.59
CA THR B 65 5.93 -4.87 -14.09
C THR B 65 7.36 -4.39 -13.82
N TYR B 66 8.15 -5.20 -13.14
CA TYR B 66 9.52 -4.86 -12.81
C TYR B 66 10.38 -6.10 -12.75
N ARG B 67 11.64 -5.92 -13.02
CA ARG B 67 12.60 -6.98 -12.79
C ARG B 67 13.99 -6.33 -12.61
N GLN B 68 14.79 -6.98 -11.78
CA GLN B 68 16.17 -6.58 -11.55
C GLN B 68 16.98 -6.91 -12.76
N ILE B 69 17.85 -6.00 -13.17
CA ILE B 69 18.62 -6.21 -14.42
C ILE B 69 20.11 -6.32 -14.22
N SER B 70 20.61 -5.85 -13.09
CA SER B 70 21.99 -5.93 -12.77
C SER B 70 22.13 -5.81 -11.28
N ALA B 71 23.36 -5.91 -10.79
CA ALA B 71 23.59 -5.81 -9.35
C ALA B 71 22.99 -4.56 -8.74
N ALA B 72 23.02 -3.45 -9.46
CA ALA B 72 22.60 -2.20 -8.87
C ALA B 72 21.53 -1.46 -9.62
N ALA B 73 20.76 -2.17 -10.43
CA ALA B 73 19.64 -1.53 -11.10
C ALA B 73 18.47 -2.49 -11.34
N TYR B 74 17.25 -1.94 -11.33
CA TYR B 74 16.10 -2.67 -11.77
C TYR B 74 15.30 -1.85 -12.77
N LYS B 75 14.49 -2.51 -13.55
CA LYS B 75 13.71 -1.85 -14.59
C LYS B 75 12.24 -1.91 -14.26
N GLU B 76 11.54 -0.80 -14.43
CA GLU B 76 10.06 -0.81 -14.36
C GLU B 76 9.55 -0.68 -15.77
N SER B 77 8.71 -1.62 -16.16
CA SER B 77 8.05 -1.59 -17.44
CA SER B 77 8.06 -1.59 -17.44
C SER B 77 6.66 -1.01 -17.16
N ILE B 78 6.51 0.28 -17.44
CA ILE B 78 5.34 1.04 -17.03
C ILE B 78 4.21 0.92 -18.05
N GLU B 79 3.01 0.58 -17.55
CA GLU B 79 1.82 0.66 -18.41
C GLU B 79 1.29 2.08 -18.43
N LYS B 80 0.93 2.60 -17.27
CA LYS B 80 0.46 3.98 -17.15
C LYS B 80 0.95 4.62 -15.86
N ASN B 81 1.30 5.89 -15.99
CA ASN B 81 1.82 6.65 -14.89
C ASN B 81 1.28 8.08 -15.02
N ILE B 82 0.41 8.48 -14.10
CA ILE B 82 -0.15 9.83 -14.16
C ILE B 82 0.76 10.86 -13.52
N HIS B 83 1.69 10.45 -12.69
CA HIS B 83 2.71 11.34 -12.15
C HIS B 83 3.72 11.72 -13.26
N LEU B 84 4.11 10.73 -14.08
CA LEU B 84 5.10 10.89 -15.11
C LEU B 84 4.58 10.29 -16.42
N PRO B 85 3.68 11.01 -17.09
CA PRO B 85 3.00 10.38 -18.21
C PRO B 85 3.88 10.17 -19.41
N LEU B 87 6.29 8.45 -19.29
CA LEU B 87 6.70 7.02 -19.12
C LEU B 87 5.66 5.99 -19.51
N ASP B 88 4.50 6.43 -19.97
CA ASP B 88 3.46 5.49 -20.34
C ASP B 88 3.99 4.54 -21.40
N ASN B 89 3.70 3.24 -21.23
CA ASN B 89 4.09 2.20 -22.19
C ASN B 89 5.62 2.25 -22.54
N LYS B 90 6.44 2.57 -21.54
CA LYS B 90 7.91 2.69 -21.70
C LYS B 90 8.61 2.04 -20.51
N ASP B 91 9.87 1.72 -20.72
CA ASP B 91 10.72 1.29 -19.60
C ASP B 91 11.48 2.45 -18.92
N ASN B 92 11.75 2.27 -17.66
CA ASN B 92 12.55 3.18 -16.87
C ASN B 92 13.49 2.37 -16.03
N ILE B 93 14.77 2.69 -16.10
CA ILE B 93 15.78 2.00 -15.32
CA ILE B 93 15.80 2.00 -15.32
C ILE B 93 16.06 2.76 -14.02
N LEU B 94 15.85 2.10 -12.88
CA LEU B 94 16.07 2.69 -11.55
C LEU B 94 17.38 2.14 -10.98
N GLU B 95 18.39 3.01 -10.84
CA GLU B 95 19.62 2.64 -10.22
C GLU B 95 19.36 2.73 -8.75
N PHE B 96 19.72 1.69 -7.99
CA PHE B 96 19.42 1.64 -6.56
C PHE B 96 20.60 1.36 -5.67
N GLU B 97 20.52 1.91 -4.46
CA GLU B 97 21.53 1.71 -3.47
C GLU B 97 20.78 1.48 -2.12
N GLY B 99 20.62 1.50 1.84
CA GLY B 99 21.30 2.15 2.93
C GLY B 99 20.89 1.51 4.25
N ALA B 100 21.07 2.26 5.33
CA ALA B 100 20.74 1.80 6.68
C ALA B 100 19.26 2.05 7.05
N GLY B 101 18.77 1.29 8.01
CA GLY B 101 17.41 1.50 8.54
C GLY B 101 16.29 1.26 7.54
N GLY B 102 16.56 0.47 6.51
CA GLY B 102 15.56 0.16 5.54
C GLY B 102 15.41 1.16 4.42
N VAL B 103 16.39 2.03 4.28
CA VAL B 103 16.36 3.07 3.23
C VAL B 103 16.90 2.55 1.91
N TYR B 105 17.89 4.22 -1.89
CA TYR B 105 18.03 5.43 -2.75
C TYR B 105 17.89 5.02 -4.19
N LEU B 106 17.06 5.73 -4.96
CA LEU B 106 16.80 5.41 -6.37
C LEU B 106 17.13 6.63 -7.19
N LYS B 107 17.62 6.38 -8.40
CA LYS B 107 17.72 7.47 -9.38
C LYS B 107 17.42 6.93 -10.76
N TYR B 108 16.84 7.78 -11.60
CA TYR B 108 16.48 7.39 -12.93
C TYR B 108 16.53 8.60 -13.87
N PHE B 109 16.85 8.29 -15.12
CA PHE B 109 17.01 9.29 -16.17
C PHE B 109 15.77 9.29 -17.08
N ILE B 110 15.32 10.49 -17.46
CA ILE B 110 14.26 10.60 -18.48
C ILE B 110 14.75 11.47 -19.65
N GLU B 111 14.77 10.89 -20.86
CA GLU B 111 15.34 11.56 -22.03
CA GLU B 111 15.36 11.59 -22.03
C GLU B 111 14.48 12.71 -22.57
N LYS B 112 13.19 12.43 -22.74
CA LYS B 112 12.27 13.37 -23.32
C LYS B 112 11.07 13.63 -22.46
N ASP B 113 10.47 14.80 -22.62
CA ASP B 113 9.27 15.13 -21.91
C ASP B 113 8.07 14.59 -22.69
N LEU B 114 6.89 14.85 -22.14
CA LEU B 114 5.65 14.37 -22.72
C LEU B 114 5.43 14.71 -24.17
N ASN B 115 5.91 15.88 -24.62
CA ASN B 115 5.76 16.31 -26.01
C ASN B 115 6.87 15.88 -26.92
N GLY B 116 7.82 15.10 -26.42
CA GLY B 116 8.96 14.70 -27.19
C GLY B 116 10.12 15.70 -27.22
N ASN B 117 10.06 16.78 -26.46
CA ASN B 117 11.20 17.72 -26.40
C ASN B 117 12.30 17.20 -25.44
N GLU B 118 13.50 17.74 -25.62
CA GLU B 118 14.64 17.31 -24.80
C GLU B 118 14.40 17.63 -23.33
N LEU B 119 14.61 16.63 -22.46
CA LEU B 119 14.51 16.83 -21.02
C LEU B 119 15.82 16.41 -20.39
N ASN B 120 16.26 15.19 -20.67
CA ASN B 120 17.57 14.71 -20.25
C ASN B 120 17.89 15.05 -18.80
N THR B 121 17.00 14.60 -17.92
CA THR B 121 17.09 14.88 -16.49
C THR B 121 17.16 13.62 -15.65
N TRP B 122 18.05 13.64 -14.65
CA TRP B 122 18.10 12.60 -13.61
C TRP B 122 17.19 13.00 -12.48
N PHE B 123 16.40 12.07 -11.97
CA PHE B 123 15.50 12.26 -10.86
C PHE B 123 15.94 11.36 -9.68
N HIS B 124 15.90 11.89 -8.45
CA HIS B 124 16.39 11.16 -7.30
C HIS B 124 15.26 11.01 -6.31
N GLU B 125 15.14 9.81 -5.76
CA GLU B 125 14.11 9.51 -4.76
C GLU B 125 14.73 8.71 -3.64
N THR B 126 14.14 8.86 -2.45
CA THR B 126 14.57 8.12 -1.27
C THR B 126 13.33 7.40 -0.76
N TRP B 127 13.43 6.07 -0.52
CA TRP B 127 12.33 5.24 -0.08
C TRP B 127 12.75 4.51 1.20
N LYS B 128 11.77 4.15 2.05
CA LYS B 128 12.05 3.36 3.26
C LYS B 128 11.14 2.12 3.33
N ARG B 129 11.73 0.97 3.64
CA ARG B 129 10.93 -0.26 3.71
C ARG B 129 9.98 -0.15 4.86
N VAL B 130 8.70 -0.48 4.62
CA VAL B 130 7.66 -0.53 5.67
C VAL B 130 7.75 -1.91 6.34
N THR B 131 7.81 -1.93 7.65
CA THR B 131 7.95 -3.14 8.44
C THR B 131 6.92 -3.17 9.55
N PRO B 133 6.09 -3.27 13.41
CA PRO B 133 6.65 -3.02 14.76
C PRO B 133 6.23 -4.01 15.81
N PRO B 134 6.82 -3.95 17.00
CA PRO B 134 6.49 -4.86 18.10
C PRO B 134 5.04 -4.85 18.56
N VAL B 135 4.39 -3.69 18.59
CA VAL B 135 3.00 -3.66 19.10
C VAL B 135 2.21 -2.68 18.27
N PHE B 136 0.91 -2.89 18.26
CA PHE B 136 0.03 -2.00 17.56
C PHE B 136 -0.08 -0.74 18.49
N PRO B 137 0.26 0.43 18.00
CA PRO B 137 0.28 1.60 18.92
C PRO B 137 -1.09 2.04 19.42
N GLU B 138 -1.12 2.55 20.64
CA GLU B 138 -2.33 3.22 21.14
C GLU B 138 -2.46 4.62 20.45
N ASP B 139 -3.70 5.11 20.40
CA ASP B 139 -4.05 6.40 19.77
C ASP B 139 -3.79 6.47 18.26
N ILE B 140 -3.61 5.31 17.63
CA ILE B 140 -3.47 5.22 16.19
C ILE B 140 -4.90 5.21 15.66
N VAL B 141 -5.13 5.84 14.51
CA VAL B 141 -6.44 5.76 13.86
C VAL B 141 -6.23 4.82 12.66
N ARG B 142 -6.92 3.70 12.67
CA ARG B 142 -6.83 2.82 11.51
C ARG B 142 -7.58 3.48 10.36
#